data_8PZ3
#
_entry.id   8PZ3
#
_cell.length_a   116.850
_cell.length_b   116.850
_cell.length_c   111.320
_cell.angle_alpha   90.00
_cell.angle_beta   90.00
_cell.angle_gamma   120.00
#
_symmetry.space_group_name_H-M   'P 32 2 1'
#
_entity_poly.entity_id   1
_entity_poly.type   'polypeptide(L)'
_entity_poly.pdbx_seq_one_letter_code
;GPPAVVATRVPPTHAALRRPTIELEFDRAIEPGSVPHIVLRADDGTSVAVGPLSWLSDRRIAFAPRKPLKSNSRYEIMVP
AGIRSTTGERSTHPLTSSFDTAPVTPPRGLPNLDGASCFINTALQLAVHSSALDDILSNEAVPPAVRTLLEDYDAASADA
LDAQLAAAVAALRATPEVPDSGPGQTLEVMQALRMPLYDTSSANNAKNNADAIRHAPPNTKAFFLNSYPPLSYADLPNHD
RLVAFDYSTGGHYVAYVKRDGIWYRIDDAQVSAVNEQDLLALPAFNPANGSVSIEIAIYR
;
_entity_poly.pdbx_strand_id   A,B
#
# COMPACT_ATOMS: atom_id res chain seq x y z
N PRO A 3 2.90 34.75 6.81
CA PRO A 3 3.15 33.35 7.19
C PRO A 3 2.46 32.28 6.28
N ALA A 4 3.20 31.62 5.37
CA ALA A 4 2.66 30.57 4.49
C ALA A 4 2.91 29.18 5.06
N VAL A 5 2.24 28.19 4.47
CA VAL A 5 2.15 26.83 5.01
C VAL A 5 2.38 25.77 3.94
N VAL A 6 2.94 24.64 4.36
CA VAL A 6 3.07 23.43 3.53
C VAL A 6 2.47 22.25 4.29
N ALA A 7 1.56 21.52 3.64
CA ALA A 7 0.82 20.44 4.26
C ALA A 7 1.28 19.07 3.78
N THR A 8 1.34 18.12 4.73
CA THR A 8 1.66 16.74 4.41
C THR A 8 0.71 15.82 5.18
N ARG A 9 0.43 14.66 4.60
CA ARG A 9 -0.46 13.60 5.02
C ARG A 9 0.37 12.32 5.15
N VAL A 10 0.52 11.67 6.30
CA VAL A 10 1.22 10.40 6.39
C VAL A 10 0.30 9.38 7.02
N PRO A 11 -0.40 8.58 6.21
CA PRO A 11 -1.35 7.60 6.77
C PRO A 11 -0.63 6.60 7.66
N PRO A 12 -1.24 6.24 8.80
CA PRO A 12 -0.54 5.37 9.77
C PRO A 12 -0.44 3.91 9.35
N THR A 13 0.09 3.68 8.14
CA THR A 13 0.03 2.36 7.56
C THR A 13 0.96 1.40 8.26
N HIS A 14 2.09 1.90 8.75
CA HIS A 14 3.06 1.02 9.40
C HIS A 14 2.48 0.38 10.67
N ALA A 15 1.89 1.17 11.56
CA ALA A 15 1.29 0.56 12.73
C ALA A 15 0.13 -0.35 12.35
N ALA A 16 -0.58 -0.04 11.26
CA ALA A 16 -1.68 -0.90 10.86
C ALA A 16 -1.18 -2.31 10.55
N LEU A 17 -0.07 -2.41 9.81
CA LEU A 17 0.46 -3.74 9.55
C LEU A 17 0.86 -4.47 10.83
N ARG A 18 1.14 -3.74 11.92
CA ARG A 18 1.56 -4.36 13.17
C ARG A 18 0.38 -4.83 14.03
N ARG A 19 -0.85 -4.57 13.63
CA ARG A 19 -2.04 -5.02 14.38
CA ARG A 19 -2.04 -5.01 14.38
C ARG A 19 -3.07 -5.53 13.40
N PRO A 20 -2.73 -6.59 12.66
CA PRO A 20 -3.67 -7.15 11.69
C PRO A 20 -4.79 -7.90 12.39
N THR A 21 -5.81 -8.21 11.61
CA THR A 21 -6.88 -9.11 12.01
C THR A 21 -6.72 -10.43 11.25
N ILE A 22 -6.33 -11.50 11.97
CA ILE A 22 -6.03 -12.78 11.36
C ILE A 22 -7.30 -13.59 11.12
N GLU A 23 -7.29 -14.42 10.07
CA GLU A 23 -8.42 -15.25 9.68
C GLU A 23 -7.95 -16.64 9.27
N LEU A 24 -8.69 -17.65 9.69
CA LEU A 24 -8.44 -19.04 9.33
C LEU A 24 -9.67 -19.58 8.62
N GLU A 25 -9.52 -20.00 7.37
CA GLU A 25 -10.61 -20.64 6.65
C GLU A 25 -10.35 -22.14 6.58
N PHE A 26 -11.38 -22.94 6.84
CA PHE A 26 -11.26 -24.38 6.84
C PHE A 26 -11.87 -24.98 5.58
N ASP A 27 -11.45 -26.20 5.26
CA ASP A 27 -11.93 -26.91 4.07
C ASP A 27 -13.36 -27.41 4.23
N ARG A 28 -13.84 -27.58 5.46
CA ARG A 28 -15.16 -28.13 5.71
C ARG A 28 -15.80 -27.34 6.84
N ALA A 29 -17.12 -27.45 6.95
CA ALA A 29 -17.83 -26.83 8.05
C ALA A 29 -17.39 -27.44 9.37
N ILE A 30 -17.13 -26.60 10.35
CA ILE A 30 -16.57 -27.02 11.63
C ILE A 30 -17.61 -26.78 12.71
N GLU A 31 -17.61 -27.65 13.70
CA GLU A 31 -18.51 -27.52 14.83
C GLU A 31 -18.01 -26.41 15.75
N PRO A 32 -18.79 -25.36 15.98
CA PRO A 32 -18.24 -24.18 16.69
C PRO A 32 -17.54 -24.48 18.00
N GLY A 33 -17.97 -25.50 18.72
CA GLY A 33 -17.38 -25.79 20.01
C GLY A 33 -16.18 -26.70 19.97
N SER A 34 -15.76 -27.11 18.78
CA SER A 34 -14.58 -27.93 18.60
C SER A 34 -13.30 -27.13 18.55
N VAL A 35 -13.38 -25.84 18.24
CA VAL A 35 -12.19 -24.99 18.22
C VAL A 35 -12.33 -24.01 19.38
N PRO A 36 -11.93 -24.40 20.56
CA PRO A 36 -12.03 -23.49 21.71
C PRO A 36 -10.90 -22.48 21.82
N HIS A 37 -9.65 -22.92 21.60
CA HIS A 37 -8.52 -22.02 21.75
C HIS A 37 -7.51 -22.24 20.62
N ILE A 38 -7.13 -21.16 19.94
CA ILE A 38 -6.09 -21.16 18.91
C ILE A 38 -4.81 -20.56 19.48
N VAL A 39 -3.66 -20.94 18.93
CA VAL A 39 -2.37 -20.50 19.46
C VAL A 39 -1.58 -19.76 18.39
N LEU A 40 -1.13 -18.55 18.73
CA LEU A 40 -0.25 -17.77 17.88
C LEU A 40 1.16 -17.77 18.44
N ARG A 41 2.15 -18.03 17.59
CA ARG A 41 3.53 -18.08 18.01
C ARG A 41 4.42 -17.32 17.01
N ALA A 42 5.47 -16.70 17.53
CA ALA A 42 6.34 -15.87 16.73
C ALA A 42 7.50 -16.71 16.20
N ASP A 43 8.29 -16.13 15.29
CA ASP A 43 9.33 -16.95 14.66
C ASP A 43 10.40 -17.37 15.67
N ASP A 44 10.45 -16.75 16.85
CA ASP A 44 11.35 -17.19 17.90
C ASP A 44 10.70 -18.17 18.86
N GLY A 45 9.42 -18.49 18.67
CA GLY A 45 8.69 -19.42 19.50
C GLY A 45 7.83 -18.80 20.59
N THR A 46 8.08 -17.55 20.95
CA THR A 46 7.33 -16.89 22.02
C THR A 46 5.85 -16.92 21.66
N SER A 47 5.00 -17.09 22.66
CA SER A 47 3.57 -17.16 22.41
C SER A 47 2.99 -15.77 22.55
N VAL A 48 2.17 -15.38 21.57
CA VAL A 48 1.52 -14.08 21.55
C VAL A 48 0.07 -14.28 21.98
N ALA A 49 -0.41 -13.43 22.88
CA ALA A 49 -1.77 -13.54 23.35
C ALA A 49 -2.78 -13.07 22.31
N VAL A 50 -3.95 -13.69 22.30
CA VAL A 50 -4.98 -13.49 21.30
C VAL A 50 -6.29 -13.16 21.98
N GLY A 51 -7.08 -12.31 21.33
CA GLY A 51 -8.37 -11.91 21.85
C GLY A 51 -9.47 -12.95 21.60
N PRO A 52 -10.72 -12.55 21.79
CA PRO A 52 -11.83 -13.49 21.58
C PRO A 52 -11.85 -14.03 20.15
N LEU A 53 -12.24 -15.30 20.02
CA LEU A 53 -12.34 -15.96 18.73
C LEU A 53 -13.74 -15.72 18.16
N SER A 54 -13.81 -15.35 16.88
CA SER A 54 -15.06 -15.03 16.22
C SER A 54 -15.27 -15.94 15.01
N TRP A 55 -16.48 -16.49 14.86
CA TRP A 55 -16.80 -17.35 13.72
C TRP A 55 -17.56 -16.49 12.71
N LEU A 56 -16.94 -16.21 11.57
CA LEU A 56 -17.59 -15.49 10.49
C LEU A 56 -18.47 -16.40 9.63
N SER A 57 -18.20 -17.71 9.64
CA SER A 57 -18.99 -18.70 8.93
C SER A 57 -18.66 -20.07 9.49
N ASP A 58 -19.41 -21.09 9.04
CA ASP A 58 -19.12 -22.45 9.49
C ASP A 58 -17.70 -22.87 9.12
N ARG A 59 -17.04 -22.15 8.22
CA ARG A 59 -15.70 -22.46 7.77
C ARG A 59 -14.63 -21.45 8.19
N ARG A 60 -15.00 -20.22 8.51
CA ARG A 60 -14.05 -19.13 8.72
C ARG A 60 -14.06 -18.63 10.15
N ILE A 61 -12.87 -18.46 10.72
CA ILE A 61 -12.71 -17.92 12.06
C ILE A 61 -11.80 -16.70 11.98
N ALA A 62 -11.99 -15.76 12.90
CA ALA A 62 -11.27 -14.49 12.89
C ALA A 62 -10.92 -14.07 14.30
N PHE A 63 -9.68 -13.65 14.49
CA PHE A 63 -9.21 -13.23 15.79
C PHE A 63 -8.22 -12.10 15.58
N ALA A 64 -7.74 -11.53 16.68
CA ALA A 64 -6.81 -10.43 16.59
C ALA A 64 -5.78 -10.46 17.70
N PRO A 65 -4.52 -10.17 17.37
CA PRO A 65 -3.49 -10.04 18.40
C PRO A 65 -3.91 -9.06 19.49
N ARG A 66 -3.54 -9.40 20.73
CA ARG A 66 -3.84 -8.51 21.85
C ARG A 66 -2.96 -7.26 21.82
N LYS A 67 -1.73 -7.41 21.37
CA LYS A 67 -0.77 -6.33 21.39
C LYS A 67 -0.05 -6.31 20.06
N PRO A 68 0.50 -5.16 19.66
CA PRO A 68 1.13 -5.06 18.36
C PRO A 68 2.10 -6.19 18.07
N LEU A 69 1.99 -6.75 16.86
CA LEU A 69 2.94 -7.72 16.37
C LEU A 69 4.15 -7.00 15.79
N LYS A 70 5.23 -7.74 15.61
CA LYS A 70 6.40 -7.16 14.97
C LYS A 70 6.20 -7.04 13.47
N SER A 71 6.91 -6.11 12.86
CA SER A 71 6.73 -5.76 11.46
C SER A 71 7.73 -6.51 10.59
N ASN A 72 7.31 -6.80 9.35
CA ASN A 72 8.07 -7.66 8.43
C ASN A 72 8.53 -8.93 9.13
N SER A 73 7.64 -9.51 9.93
CA SER A 73 7.96 -10.69 10.71
C SER A 73 6.94 -11.79 10.43
N ARG A 74 7.40 -13.03 10.55
CA ARG A 74 6.59 -14.20 10.30
C ARG A 74 6.01 -14.75 11.60
N TYR A 75 4.76 -15.19 11.52
CA TYR A 75 4.01 -15.71 12.66
C TYR A 75 3.30 -16.99 12.22
N GLU A 76 3.28 -17.97 13.13
CA GLU A 76 2.73 -19.31 12.88
C GLU A 76 1.51 -19.54 13.74
N ILE A 77 0.41 -19.97 13.09
CA ILE A 77 -0.86 -20.26 13.76
C ILE A 77 -1.05 -21.76 13.92
N MET A 78 -1.42 -22.20 15.12
CA MET A 78 -1.73 -23.60 15.39
C MET A 78 -3.15 -23.73 15.91
N VAL A 79 -3.97 -24.52 15.21
CA VAL A 79 -5.30 -24.91 15.68
C VAL A 79 -5.16 -26.27 16.37
N PRO A 80 -5.33 -26.35 17.69
CA PRO A 80 -5.10 -27.62 18.40
C PRO A 80 -5.90 -28.81 17.89
N ALA A 81 -5.49 -30.00 18.32
CA ALA A 81 -6.16 -31.22 17.91
C ALA A 81 -7.46 -31.42 18.68
N GLY A 82 -8.49 -31.89 17.97
CA GLY A 82 -9.80 -32.07 18.55
C GLY A 82 -10.92 -31.45 17.73
N ILE A 83 -10.55 -30.78 16.63
CA ILE A 83 -11.54 -30.14 15.78
C ILE A 83 -12.45 -31.22 15.20
N ARG A 84 -13.73 -30.89 15.02
CA ARG A 84 -14.69 -31.84 14.48
C ARG A 84 -15.51 -31.17 13.40
N SER A 85 -15.73 -31.90 12.32
CA SER A 85 -16.57 -31.43 11.24
C SER A 85 -18.04 -31.76 11.50
N THR A 86 -18.90 -31.13 10.71
CA THR A 86 -20.32 -31.42 10.79
C THR A 86 -20.63 -32.84 10.34
N THR A 87 -19.67 -33.53 9.72
CA THR A 87 -19.83 -34.90 9.28
C THR A 87 -19.26 -35.90 10.29
N GLY A 88 -19.04 -35.46 11.52
CA GLY A 88 -18.54 -36.34 12.57
C GLY A 88 -17.05 -36.52 12.61
N GLU A 89 -16.32 -36.13 11.57
CA GLU A 89 -14.87 -36.32 11.50
C GLU A 89 -14.18 -35.69 12.72
N ARG A 90 -12.92 -36.06 12.90
CA ARG A 90 -12.13 -35.49 13.99
C ARG A 90 -10.67 -35.37 13.55
N SER A 91 -9.94 -34.49 14.23
CA SER A 91 -8.53 -34.23 13.97
C SER A 91 -7.65 -34.89 15.02
N THR A 92 -6.81 -35.83 14.60
CA THR A 92 -5.88 -36.48 15.51
C THR A 92 -4.57 -35.70 15.67
N HIS A 93 -4.39 -34.62 14.93
CA HIS A 93 -3.12 -33.87 14.91
C HIS A 93 -3.40 -32.37 14.90
N PRO A 94 -2.55 -31.60 15.55
CA PRO A 94 -2.68 -30.13 15.48
C PRO A 94 -2.46 -29.61 14.07
N LEU A 95 -3.35 -28.70 13.65
CA LEU A 95 -3.29 -28.06 12.33
C LEU A 95 -2.44 -26.79 12.38
N THR A 96 -1.71 -26.50 11.30
CA THR A 96 -0.81 -25.35 11.29
C THR A 96 -0.89 -24.54 10.01
N SER A 97 -0.77 -23.22 10.14
CA SER A 97 -0.64 -22.30 9.01
C SER A 97 0.33 -21.17 9.37
N SER A 98 0.52 -20.23 8.45
CA SER A 98 1.47 -19.15 8.71
C SER A 98 1.11 -17.91 7.91
N PHE A 99 1.66 -16.78 8.33
CA PHE A 99 1.46 -15.50 7.66
C PHE A 99 2.57 -14.54 8.09
N ASP A 100 2.67 -13.41 7.41
CA ASP A 100 3.69 -12.42 7.76
C ASP A 100 3.03 -11.05 7.74
N THR A 101 3.49 -10.19 8.64
CA THR A 101 2.94 -8.86 8.86
C THR A 101 3.55 -7.85 7.91
N ALA A 102 3.90 -8.29 6.75
CA ALA A 102 4.60 -7.45 5.79
C ALA A 102 3.65 -6.95 4.73
N PRO A 103 4.03 -5.89 4.02
CA PRO A 103 3.14 -5.32 3.02
C PRO A 103 2.96 -6.22 1.81
N VAL A 104 1.78 -6.11 1.23
CA VAL A 104 1.44 -6.74 -0.04
C VAL A 104 1.47 -5.71 -1.16
N THR A 105 1.46 -4.42 -0.83
CA THR A 105 1.54 -3.38 -1.82
C THR A 105 2.85 -3.57 -2.58
N PRO A 106 2.97 -2.99 -3.77
CA PRO A 106 4.22 -3.11 -4.52
C PRO A 106 5.25 -2.12 -3.98
N PRO A 107 6.54 -2.39 -4.18
CA PRO A 107 7.56 -1.48 -3.63
C PRO A 107 7.47 -0.12 -4.28
N ARG A 108 8.27 0.81 -3.76
CA ARG A 108 8.36 2.18 -4.24
C ARG A 108 9.75 2.39 -4.85
N GLY A 109 9.93 3.51 -5.54
CA GLY A 109 11.21 3.87 -6.15
C GLY A 109 11.85 5.03 -5.41
N LEU A 110 13.17 4.98 -5.26
CA LEU A 110 13.92 6.06 -4.63
C LEU A 110 14.80 6.73 -5.66
N PRO A 111 14.61 8.02 -5.91
CA PRO A 111 15.45 8.71 -6.89
C PRO A 111 16.89 8.82 -6.41
N ASN A 112 17.79 9.00 -7.38
CA ASN A 112 19.22 9.15 -7.09
C ASN A 112 19.70 10.43 -7.76
N LEU A 113 19.50 11.57 -7.11
CA LEU A 113 19.97 12.83 -7.68
C LEU A 113 21.46 13.02 -7.45
N ASP A 114 22.04 12.27 -6.52
CA ASP A 114 23.46 12.40 -6.23
C ASP A 114 24.30 11.93 -7.40
N GLY A 115 23.85 10.89 -8.08
CA GLY A 115 24.61 10.23 -9.12
C GLY A 115 25.40 9.05 -8.59
N ALA A 116 25.76 9.07 -7.30
CA ALA A 116 26.52 7.99 -6.68
C ALA A 116 25.93 7.65 -5.32
N SER A 117 24.62 7.77 -5.19
CA SER A 117 23.92 7.37 -3.99
C SER A 117 23.13 6.08 -4.22
N CYS A 118 23.56 5.26 -5.18
CA CYS A 118 22.94 3.96 -5.41
C CYS A 118 22.93 3.15 -4.13
N PHE A 119 24.06 3.18 -3.42
CA PHE A 119 24.24 2.31 -2.25
C PHE A 119 23.30 2.72 -1.14
N ILE A 120 23.04 4.02 -0.97
CA ILE A 120 22.13 4.43 0.08
C ILE A 120 20.72 3.93 -0.23
N ASN A 121 20.28 4.11 -1.47
CA ASN A 121 18.93 3.68 -1.83
C ASN A 121 18.79 2.17 -1.69
N THR A 122 19.78 1.43 -2.17
CA THR A 122 19.70 -0.03 -2.13
C THR A 122 19.64 -0.51 -0.69
N ALA A 123 20.50 0.04 0.17
CA ALA A 123 20.51 -0.38 1.56
C ALA A 123 19.19 -0.04 2.25
N LEU A 124 18.65 1.15 1.99
CA LEU A 124 17.38 1.49 2.61
C LEU A 124 16.27 0.57 2.14
N GLN A 125 16.31 0.20 0.86
CA GLN A 125 15.30 -0.71 0.34
C GLN A 125 15.40 -2.06 1.04
N LEU A 126 16.61 -2.54 1.26
CA LEU A 126 16.77 -3.80 1.96
C LEU A 126 16.31 -3.67 3.42
N ALA A 127 16.60 -2.52 4.05
CA ALA A 127 16.29 -2.37 5.47
C ALA A 127 14.79 -2.30 5.71
N VAL A 128 14.05 -1.67 4.79
CA VAL A 128 12.62 -1.51 4.97
C VAL A 128 11.91 -2.87 4.85
N HIS A 129 12.45 -3.79 4.07
CA HIS A 129 11.89 -5.13 3.92
C HIS A 129 12.45 -6.11 4.94
N SER A 130 13.03 -5.61 6.00
CA SER A 130 13.70 -6.41 7.01
C SER A 130 12.80 -6.72 8.18
N SER A 131 13.00 -7.90 8.78
CA SER A 131 12.31 -8.24 10.02
C SER A 131 12.82 -7.43 11.20
N ALA A 132 13.91 -6.71 11.01
CA ALA A 132 14.50 -5.88 12.03
C ALA A 132 14.14 -4.40 11.84
N LEU A 133 13.16 -4.12 10.98
CA LEU A 133 12.77 -2.74 10.74
C LEU A 133 12.31 -2.04 11.99
N ASP A 134 11.59 -2.75 12.87
CA ASP A 134 11.13 -2.15 14.11
C ASP A 134 12.29 -1.74 15.02
N ASP A 135 13.31 -2.59 15.11
CA ASP A 135 14.46 -2.27 15.96
C ASP A 135 15.27 -1.13 15.37
N ILE A 136 15.33 -1.03 14.03
CA ILE A 136 15.98 0.13 13.44
C ILE A 136 15.19 1.41 13.74
N LEU A 137 13.87 1.36 13.62
CA LEU A 137 13.09 2.57 13.81
C LEU A 137 13.08 3.00 15.27
N SER A 138 13.38 2.12 16.19
CA SER A 138 13.38 2.48 17.60
C SER A 138 14.75 2.92 18.11
N ASN A 139 15.81 2.76 17.31
CA ASN A 139 17.16 3.09 17.74
C ASN A 139 17.47 4.58 17.61
N GLU A 140 17.69 5.23 18.76
CA GLU A 140 17.94 6.67 18.73
C GLU A 140 19.25 7.00 18.04
N ALA A 141 20.19 6.07 17.99
CA ALA A 141 21.47 6.30 17.33
C ALA A 141 21.34 6.43 15.81
N VAL A 142 20.24 5.97 15.23
CA VAL A 142 20.01 6.11 13.78
C VAL A 142 19.51 7.54 13.58
N PRO A 143 20.00 8.26 12.58
CA PRO A 143 19.50 9.62 12.33
C PRO A 143 17.98 9.64 12.25
N PRO A 144 17.37 10.66 12.87
CA PRO A 144 15.89 10.73 12.87
C PRO A 144 15.28 10.86 11.48
N ALA A 145 15.95 11.51 10.53
CA ALA A 145 15.35 11.63 9.20
C ALA A 145 15.26 10.28 8.51
N VAL A 146 16.25 9.41 8.77
CA VAL A 146 16.24 8.07 8.19
C VAL A 146 15.09 7.27 8.77
N ARG A 147 14.90 7.34 10.07
CA ARG A 147 13.78 6.63 10.68
C ARG A 147 12.45 7.15 10.13
N THR A 148 12.35 8.46 9.91
CA THR A 148 11.10 8.99 9.38
C THR A 148 10.86 8.45 7.98
N LEU A 149 11.91 8.39 7.16
CA LEU A 149 11.72 7.87 5.81
C LEU A 149 11.31 6.41 5.82
N LEU A 150 11.92 5.62 6.72
CA LEU A 150 11.67 4.19 6.79
C LEU A 150 10.29 3.89 7.35
N GLU A 151 9.73 4.81 8.14
CA GLU A 151 8.37 4.61 8.60
C GLU A 151 7.33 5.04 7.56
N ASP A 152 7.58 6.14 6.84
CA ASP A 152 6.61 6.64 5.87
C ASP A 152 6.82 6.05 4.48
N TYR A 153 7.47 4.90 4.38
CA TYR A 153 7.87 4.39 3.07
C TYR A 153 6.64 4.10 2.21
N ASP A 154 5.67 3.36 2.75
CA ASP A 154 4.55 2.92 1.94
C ASP A 154 3.45 3.96 1.80
N ALA A 155 3.36 4.94 2.69
CA ALA A 155 2.17 5.78 2.76
C ALA A 155 2.42 7.24 2.44
N ALA A 156 3.57 7.57 1.87
CA ALA A 156 3.92 8.96 1.67
C ALA A 156 3.74 9.33 0.21
N SER A 157 3.28 10.56 -0.01
CA SER A 157 3.25 11.14 -1.34
C SER A 157 4.62 11.01 -1.98
N ALA A 158 4.64 10.92 -3.31
CA ALA A 158 5.92 10.83 -3.98
C ALA A 158 6.79 12.06 -3.68
N ASP A 159 6.20 13.25 -3.67
CA ASP A 159 6.98 14.45 -3.35
C ASP A 159 7.50 14.40 -1.92
N ALA A 160 6.65 13.94 -0.99
CA ALA A 160 7.05 13.92 0.42
C ALA A 160 8.09 12.86 0.66
N LEU A 161 7.96 11.71 -0.01
CA LEU A 161 9.00 10.68 0.07
C LEU A 161 10.31 11.21 -0.48
N ASP A 162 10.26 12.05 -1.52
CA ASP A 162 11.48 12.57 -2.11
C ASP A 162 12.16 13.53 -1.15
N ALA A 163 11.38 14.40 -0.52
CA ALA A 163 11.96 15.29 0.46
C ALA A 163 12.56 14.49 1.61
N GLN A 164 11.84 13.49 2.08
CA GLN A 164 12.34 12.66 3.17
C GLN A 164 13.62 11.97 2.76
N LEU A 165 13.71 11.57 1.48
CA LEU A 165 14.91 10.88 1.02
C LEU A 165 16.10 11.82 1.00
N ALA A 166 15.89 13.06 0.52
CA ALA A 166 16.97 14.03 0.56
C ALA A 166 17.47 14.19 1.98
N ALA A 167 16.54 14.36 2.93
CA ALA A 167 16.96 14.56 4.32
C ALA A 167 17.68 13.33 4.84
N ALA A 168 17.23 12.15 4.42
CA ALA A 168 17.82 10.90 4.91
C ALA A 168 19.21 10.70 4.33
N VAL A 169 19.39 10.96 3.04
CA VAL A 169 20.71 10.86 2.44
C VAL A 169 21.66 11.87 3.10
N ALA A 170 21.19 13.10 3.31
CA ALA A 170 22.01 14.11 3.97
C ALA A 170 22.46 13.62 5.34
N ALA A 171 21.52 13.13 6.14
CA ALA A 171 21.87 12.70 7.47
C ALA A 171 22.74 11.45 7.43
N LEU A 172 22.62 10.64 6.38
CA LEU A 172 23.43 9.43 6.29
C LEU A 172 24.87 9.78 5.93
N ARG A 173 25.05 10.61 4.92
CA ARG A 173 26.42 10.98 4.54
C ARG A 173 27.15 11.67 5.68
N ALA A 174 26.41 12.38 6.53
CA ALA A 174 27.05 13.01 7.68
C ALA A 174 27.56 11.99 8.68
N THR A 175 27.05 10.76 8.67
CA THR A 175 27.45 9.82 9.69
C THR A 175 28.93 9.42 9.52
N PRO A 176 29.53 8.85 10.57
CA PRO A 176 30.89 8.34 10.40
C PRO A 176 30.96 7.19 9.41
N GLU A 177 29.99 6.26 9.47
CA GLU A 177 30.11 5.05 8.67
C GLU A 177 30.06 5.32 7.18
N VAL A 178 29.29 6.33 6.78
CA VAL A 178 28.99 6.57 5.38
C VAL A 178 29.90 7.65 4.78
N PRO A 179 30.32 7.48 3.52
CA PRO A 179 31.10 8.54 2.85
C PRO A 179 30.39 9.89 2.86
N ASP A 180 31.12 10.93 3.24
CA ASP A 180 30.57 12.30 3.21
C ASP A 180 30.30 12.76 1.78
N SER A 181 30.88 12.11 0.79
CA SER A 181 30.58 12.41 -0.60
C SER A 181 31.04 11.24 -1.45
N GLY A 182 30.52 11.18 -2.67
CA GLY A 182 30.94 10.17 -3.61
C GLY A 182 30.21 8.86 -3.45
N PRO A 183 30.58 7.87 -4.28
CA PRO A 183 29.94 6.55 -4.16
C PRO A 183 30.38 5.85 -2.89
N GLY A 184 29.80 4.68 -2.67
CA GLY A 184 30.10 3.92 -1.48
C GLY A 184 29.55 2.52 -1.58
N GLN A 185 29.32 1.93 -0.41
CA GLN A 185 29.02 0.52 -0.26
C GLN A 185 27.78 0.33 0.61
N THR A 186 27.02 -0.73 0.32
CA THR A 186 25.81 -0.99 1.08
C THR A 186 26.11 -1.22 2.56
N LEU A 187 27.22 -1.89 2.84
CA LEU A 187 27.49 -2.25 4.23
C LEU A 187 27.68 -1.01 5.09
N GLU A 188 28.23 0.08 4.53
CA GLU A 188 28.40 1.32 5.28
C GLU A 188 27.05 1.87 5.71
N VAL A 189 26.06 1.81 4.81
CA VAL A 189 24.72 2.25 5.17
C VAL A 189 24.12 1.35 6.25
N MET A 190 24.36 0.04 6.16
CA MET A 190 23.84 -0.87 7.18
C MET A 190 24.50 -0.58 8.53
N GLN A 191 25.79 -0.27 8.52
CA GLN A 191 26.49 0.07 9.75
C GLN A 191 25.91 1.32 10.37
N ALA A 192 25.51 2.28 9.55
CA ALA A 192 24.86 3.47 10.07
C ALA A 192 23.50 3.12 10.66
N LEU A 193 22.70 2.35 9.92
CA LEU A 193 21.40 1.89 10.41
C LEU A 193 21.53 0.94 11.58
N ARG A 194 22.73 0.44 11.87
CA ARG A 194 22.97 -0.53 12.95
C ARG A 194 22.14 -1.81 12.74
N MET A 195 21.94 -2.20 11.50
CA MET A 195 21.18 -3.41 11.23
C MET A 195 21.99 -4.63 11.65
N PRO A 196 21.41 -5.54 12.43
CA PRO A 196 22.15 -6.76 12.81
C PRO A 196 22.55 -7.55 11.59
N LEU A 197 23.85 -7.70 11.36
CA LEU A 197 24.38 -8.51 10.27
C LEU A 197 25.27 -9.62 10.81
N TYR A 198 25.34 -10.72 10.06
CA TYR A 198 26.10 -11.92 10.43
C TYR A 198 27.18 -12.14 9.39
N ASP A 199 28.43 -11.87 9.77
CA ASP A 199 29.55 -12.06 8.85
C ASP A 199 29.83 -13.54 8.65
N THR A 200 29.65 -14.02 7.42
CA THR A 200 29.91 -15.42 7.14
C THR A 200 31.39 -15.73 7.11
N SER A 201 32.24 -14.70 7.04
CA SER A 201 33.67 -14.96 7.16
C SER A 201 33.96 -15.54 8.54
N SER A 202 33.27 -15.02 9.56
CA SER A 202 33.31 -15.60 10.89
C SER A 202 32.80 -17.04 10.86
N ALA A 203 33.22 -17.82 11.85
CA ALA A 203 32.81 -19.22 11.98
C ALA A 203 31.28 -19.34 11.92
N ALA A 206 32.18 -23.18 10.18
CA ALA A 206 31.70 -22.88 8.83
C ALA A 206 32.84 -22.72 7.84
N LYS A 207 32.57 -22.98 6.55
CA LYS A 207 33.61 -22.98 5.54
C LYS A 207 33.21 -22.25 4.28
N ASN A 208 31.92 -22.24 3.97
CA ASN A 208 31.37 -21.58 2.79
C ASN A 208 30.39 -20.52 3.28
N ASN A 209 29.99 -19.63 2.35
CA ASN A 209 28.95 -18.67 2.68
C ASN A 209 27.65 -19.40 2.99
N ALA A 210 27.26 -20.32 2.09
CA ALA A 210 25.99 -21.02 2.23
C ALA A 210 25.97 -21.88 3.48
N ASP A 211 27.08 -22.56 3.78
CA ASP A 211 27.12 -23.42 4.96
C ASP A 211 27.05 -22.59 6.23
N ALA A 212 27.62 -21.39 6.20
CA ALA A 212 27.45 -20.50 7.34
C ALA A 212 26.00 -20.05 7.47
N ILE A 213 25.32 -19.83 6.33
CA ILE A 213 23.91 -19.45 6.38
C ILE A 213 23.04 -20.57 6.94
N ARG A 214 23.33 -21.82 6.57
CA ARG A 214 22.48 -22.91 7.00
C ARG A 214 22.68 -23.22 8.48
N HIS A 215 23.94 -23.29 8.90
CA HIS A 215 24.28 -23.64 10.28
C HIS A 215 24.52 -22.40 11.12
N ALA A 216 23.70 -21.40 10.93
CA ALA A 216 23.82 -20.15 11.65
C ALA A 216 22.99 -20.18 12.91
N PRO A 217 23.25 -19.25 13.84
CA PRO A 217 22.46 -19.18 15.08
C PRO A 217 20.98 -19.08 14.78
N PRO A 218 20.12 -19.43 15.72
CA PRO A 218 18.67 -19.32 15.48
C PRO A 218 18.26 -17.86 15.38
N ASN A 219 17.27 -17.60 14.51
CA ASN A 219 16.71 -16.27 14.35
C ASN A 219 17.73 -15.27 13.79
N THR A 220 18.59 -15.75 12.89
CA THR A 220 19.53 -14.89 12.17
C THR A 220 18.89 -14.61 10.82
N LYS A 221 18.56 -13.35 10.57
CA LYS A 221 17.79 -12.99 9.38
C LYS A 221 18.62 -12.30 8.31
N ALA A 222 19.56 -11.44 8.68
CA ALA A 222 20.37 -10.69 7.73
C ALA A 222 21.80 -11.20 7.69
N PHE A 223 22.33 -11.40 6.48
CA PHE A 223 23.65 -11.96 6.29
C PHE A 223 24.51 -11.07 5.41
N PHE A 224 25.77 -10.92 5.82
CA PHE A 224 26.83 -10.29 5.04
C PHE A 224 27.74 -11.39 4.52
N LEU A 225 27.80 -11.55 3.20
CA LEU A 225 28.39 -12.72 2.56
C LEU A 225 29.83 -12.44 2.18
N ASN A 226 30.75 -12.77 3.09
CA ASN A 226 32.15 -12.40 2.90
C ASN A 226 33.08 -13.62 2.99
N SER A 227 32.62 -14.78 2.57
CA SER A 227 33.45 -15.97 2.46
C SER A 227 33.60 -16.33 0.99
N TYR A 228 34.22 -17.46 0.73
CA TYR A 228 34.36 -17.93 -0.64
C TYR A 228 33.68 -19.29 -0.77
N PRO A 229 32.97 -19.54 -1.88
CA PRO A 229 32.85 -18.68 -3.07
C PRO A 229 31.69 -17.70 -2.93
N PRO A 230 31.68 -16.68 -3.77
CA PRO A 230 30.48 -15.85 -3.91
C PRO A 230 29.30 -16.68 -4.41
N LEU A 231 28.10 -16.27 -4.04
CA LEU A 231 26.89 -17.01 -4.37
C LEU A 231 26.07 -16.27 -5.43
N SER A 232 25.40 -17.06 -6.25
CA SER A 232 24.40 -16.54 -7.15
C SER A 232 23.04 -16.69 -6.49
N TYR A 233 21.98 -16.23 -7.15
CA TYR A 233 20.65 -16.41 -6.59
C TYR A 233 20.42 -17.87 -6.27
N ALA A 234 20.76 -18.76 -7.23
CA ALA A 234 20.52 -20.18 -7.04
C ALA A 234 21.33 -20.75 -5.88
N ASP A 235 22.56 -20.25 -5.65
CA ASP A 235 23.37 -20.78 -4.57
C ASP A 235 22.90 -20.34 -3.20
N LEU A 236 22.16 -19.24 -3.10
CA LEU A 236 21.60 -18.83 -1.82
C LEU A 236 20.69 -19.92 -1.26
N PRO A 237 20.89 -20.36 -0.02
CA PRO A 237 20.03 -21.41 0.54
C PRO A 237 18.67 -20.85 0.92
N ASN A 238 17.77 -21.78 1.24
CA ASN A 238 16.42 -21.52 1.74
C ASN A 238 15.74 -20.36 0.99
N HIS A 239 15.53 -20.56 -0.32
CA HIS A 239 14.89 -19.53 -1.12
C HIS A 239 13.49 -19.17 -0.60
N ASP A 240 12.85 -20.12 0.08
CA ASP A 240 11.48 -19.93 0.57
C ASP A 240 11.36 -18.77 1.54
N ARG A 241 12.42 -18.46 2.28
CA ARG A 241 12.42 -17.36 3.24
C ARG A 241 13.22 -16.15 2.78
N LEU A 242 13.94 -16.25 1.67
CA LEU A 242 14.66 -15.10 1.14
C LEU A 242 13.66 -14.03 0.76
N VAL A 243 13.86 -12.82 1.29
CA VAL A 243 12.97 -11.71 0.97
C VAL A 243 13.71 -10.54 0.36
N ALA A 244 15.03 -10.44 0.49
CA ALA A 244 15.73 -9.32 -0.12
C ALA A 244 17.18 -9.66 -0.31
N PHE A 245 17.81 -9.01 -1.29
CA PHE A 245 19.24 -9.12 -1.46
C PHE A 245 19.70 -8.01 -2.40
N ASP A 246 20.94 -7.60 -2.24
CA ASP A 246 21.45 -6.56 -3.13
C ASP A 246 22.10 -7.17 -4.36
N TYR A 247 22.18 -6.36 -5.42
CA TYR A 247 22.92 -6.77 -6.61
C TYR A 247 23.76 -5.63 -7.14
N SER A 248 25.02 -5.93 -7.45
CA SER A 248 26.01 -4.94 -7.87
C SER A 248 26.47 -5.16 -9.32
N THR A 249 26.17 -4.18 -10.18
CA THR A 249 26.43 -4.29 -11.61
C THR A 249 27.73 -3.59 -12.02
N GLY A 250 28.59 -3.23 -11.08
CA GLY A 250 29.80 -2.50 -11.37
C GLY A 250 29.65 -1.02 -11.11
N GLY A 251 29.88 -0.59 -9.87
CA GLY A 251 29.68 0.79 -9.51
C GLY A 251 28.24 1.24 -9.51
N HIS A 252 27.29 0.31 -9.46
CA HIS A 252 25.89 0.65 -9.52
C HIS A 252 25.13 -0.44 -8.79
N TYR A 253 24.25 -0.02 -7.88
CA TYR A 253 23.53 -0.94 -7.03
C TYR A 253 22.05 -0.96 -7.37
N VAL A 254 21.49 -2.17 -7.47
CA VAL A 254 20.06 -2.37 -7.52
C VAL A 254 19.69 -3.26 -6.35
N ALA A 255 18.41 -3.24 -6.00
CA ALA A 255 17.87 -4.07 -4.94
C ALA A 255 16.92 -5.09 -5.53
N TYR A 256 16.88 -6.28 -4.95
CA TYR A 256 15.90 -7.30 -5.28
C TYR A 256 15.11 -7.59 -4.02
N VAL A 257 13.81 -7.30 -4.07
CA VAL A 257 12.95 -7.41 -2.89
C VAL A 257 11.69 -8.17 -3.25
N LYS A 258 11.21 -9.00 -2.32
CA LYS A 258 10.07 -9.87 -2.52
C LYS A 258 8.87 -9.39 -1.73
N ARG A 259 7.73 -9.25 -2.40
CA ARG A 259 6.51 -8.78 -1.75
C ARG A 259 5.34 -9.62 -2.24
N ASP A 260 4.59 -10.19 -1.29
CA ASP A 260 3.46 -11.05 -1.61
C ASP A 260 3.87 -12.10 -2.65
N GLY A 261 5.05 -12.67 -2.46
CA GLY A 261 5.54 -13.73 -3.32
C GLY A 261 5.99 -13.31 -4.71
N ILE A 262 6.12 -12.00 -4.95
CA ILE A 262 6.51 -11.48 -6.25
C ILE A 262 7.80 -10.69 -6.05
N TRP A 263 8.82 -11.04 -6.83
CA TRP A 263 10.12 -10.38 -6.74
C TRP A 263 10.09 -9.13 -7.62
N TYR A 264 10.76 -8.09 -7.13
CA TYR A 264 10.87 -6.79 -7.80
C TYR A 264 12.34 -6.40 -7.80
N ARG A 265 12.75 -5.77 -8.89
CA ARG A 265 14.07 -5.20 -9.05
C ARG A 265 13.92 -3.68 -9.00
N ILE A 266 14.60 -3.06 -8.05
CA ILE A 266 14.53 -1.62 -7.84
C ILE A 266 15.90 -1.05 -8.15
N ASP A 267 16.03 -0.44 -9.32
CA ASP A 267 17.23 0.26 -9.74
C ASP A 267 16.93 1.74 -9.54
N ASP A 268 17.39 2.28 -8.41
CA ASP A 268 17.05 3.64 -8.02
C ASP A 268 15.54 3.83 -8.01
N ALA A 269 15.00 4.47 -9.05
CA ALA A 269 13.57 4.77 -9.10
C ALA A 269 12.81 3.87 -10.06
N GLN A 270 13.46 2.83 -10.59
CA GLN A 270 12.86 1.93 -11.56
C GLN A 270 12.50 0.65 -10.84
N VAL A 271 11.21 0.50 -10.52
CA VAL A 271 10.67 -0.73 -9.99
C VAL A 271 10.16 -1.55 -11.17
N SER A 272 10.67 -2.77 -11.30
CA SER A 272 10.28 -3.67 -12.37
C SER A 272 10.06 -5.05 -11.78
N ALA A 273 8.93 -5.68 -12.10
CA ALA A 273 8.68 -7.03 -11.64
C ALA A 273 9.53 -8.03 -12.43
N VAL A 274 10.04 -9.04 -11.73
CA VAL A 274 10.95 -10.02 -12.32
C VAL A 274 10.46 -11.43 -11.98
N ASN A 275 10.82 -12.39 -12.84
CA ASN A 275 10.49 -13.81 -12.66
C ASN A 275 11.71 -14.58 -12.19
N GLU A 276 11.48 -15.87 -11.88
CA GLU A 276 12.58 -16.67 -11.32
C GLU A 276 13.72 -16.78 -12.31
N GLN A 277 13.42 -16.79 -13.60
CA GLN A 277 14.49 -16.98 -14.58
C GLN A 277 15.46 -15.81 -14.57
N ASP A 278 14.94 -14.58 -14.49
CA ASP A 278 15.78 -13.41 -14.38
C ASP A 278 16.75 -13.52 -13.22
N LEU A 279 16.28 -13.98 -12.07
CA LEU A 279 17.15 -14.09 -10.91
C LEU A 279 18.16 -15.22 -11.09
N LEU A 280 17.71 -16.36 -11.59
CA LEU A 280 18.61 -17.49 -11.78
C LEU A 280 19.70 -17.17 -12.77
N ALA A 281 19.44 -16.22 -13.66
CA ALA A 281 20.40 -15.74 -14.63
C ALA A 281 21.35 -14.69 -14.06
N LEU A 282 21.07 -14.15 -12.88
CA LEU A 282 21.95 -13.15 -12.31
C LEU A 282 23.30 -13.80 -12.01
N PRO A 283 24.42 -13.23 -12.49
CA PRO A 283 25.74 -13.78 -12.17
C PRO A 283 26.09 -13.63 -10.70
N ALA A 284 27.11 -14.40 -10.27
CA ALA A 284 27.57 -14.37 -8.89
C ALA A 284 28.77 -13.45 -8.66
N PHE A 285 29.53 -13.13 -9.70
CA PHE A 285 30.70 -12.26 -9.63
C PHE A 285 31.06 -11.89 -11.06
N ASN A 286 31.75 -10.72 -11.22
CA ASN A 286 32.18 -10.28 -12.55
C ASN A 286 33.43 -11.01 -13.02
N PRO A 287 33.53 -11.31 -14.32
CA PRO A 287 34.69 -12.10 -14.78
C PRO A 287 36.03 -11.36 -14.72
N ALA A 288 36.06 -10.07 -15.05
CA ALA A 288 37.32 -9.35 -15.10
C ALA A 288 37.78 -8.93 -13.71
N ASN A 289 36.90 -8.26 -12.96
CA ASN A 289 37.28 -7.78 -11.64
C ASN A 289 37.45 -8.94 -10.66
N GLY A 290 36.47 -9.84 -10.62
CA GLY A 290 36.41 -10.83 -9.57
C GLY A 290 35.59 -10.39 -8.40
N SER A 291 34.70 -9.43 -8.57
CA SER A 291 33.99 -8.81 -7.46
C SER A 291 32.68 -9.51 -7.15
N VAL A 292 32.40 -9.65 -5.86
CA VAL A 292 31.19 -10.32 -5.41
C VAL A 292 29.98 -9.51 -5.84
N SER A 293 28.98 -10.19 -6.41
CA SER A 293 27.75 -9.51 -6.83
C SER A 293 26.80 -9.29 -5.66
N ILE A 294 26.36 -10.39 -5.03
CA ILE A 294 25.42 -10.31 -3.91
C ILE A 294 26.25 -10.41 -2.64
N GLU A 295 26.14 -9.39 -1.78
CA GLU A 295 26.84 -9.39 -0.50
C GLU A 295 25.92 -9.36 0.71
N ILE A 296 24.72 -8.79 0.61
CA ILE A 296 23.76 -8.74 1.70
C ILE A 296 22.50 -9.47 1.24
N ALA A 297 22.08 -10.43 2.06
CA ALA A 297 20.88 -11.23 1.83
C ALA A 297 20.03 -11.22 3.10
N ILE A 298 18.77 -10.88 2.97
CA ILE A 298 17.86 -10.69 4.09
C ILE A 298 16.74 -11.72 3.98
N TYR A 299 16.50 -12.42 5.09
CA TYR A 299 15.50 -13.45 5.19
C TYR A 299 14.42 -13.05 6.19
N ARG A 300 13.32 -13.79 6.19
CA ARG A 300 12.18 -13.54 7.07
C ARG A 300 12.20 -14.55 8.23
N ALA B 4 -8.41 -28.91 6.56
CA ALA B 4 -7.23 -28.06 6.49
C ALA B 4 -7.60 -26.60 6.71
N VAL B 5 -6.57 -25.77 6.90
CA VAL B 5 -6.73 -24.39 7.31
C VAL B 5 -5.86 -23.51 6.43
N VAL B 6 -6.35 -22.33 6.11
CA VAL B 6 -5.62 -21.32 5.36
C VAL B 6 -5.63 -20.04 6.17
N ALA B 7 -4.46 -19.46 6.39
CA ALA B 7 -4.34 -18.28 7.23
C ALA B 7 -4.18 -17.05 6.32
N THR B 8 -4.93 -16.00 6.66
CA THR B 8 -4.88 -14.72 5.97
C THR B 8 -4.81 -13.58 6.98
N ARG B 9 -4.23 -12.49 6.55
CA ARG B 9 -4.01 -11.31 7.36
C ARG B 9 -4.67 -10.11 6.70
N VAL B 10 -5.52 -9.40 7.46
CA VAL B 10 -6.22 -8.24 6.91
C VAL B 10 -5.84 -7.01 7.72
N PRO B 11 -4.78 -6.32 7.33
CA PRO B 11 -4.34 -5.12 8.07
C PRO B 11 -5.31 -3.96 7.91
N PRO B 12 -5.55 -3.20 8.98
CA PRO B 12 -6.53 -2.11 8.98
C PRO B 12 -6.01 -0.82 8.34
N THR B 13 -5.44 -0.96 7.13
CA THR B 13 -4.76 0.17 6.50
C THR B 13 -5.72 1.16 5.87
N HIS B 14 -6.87 0.72 5.42
CA HIS B 14 -7.86 1.65 4.89
C HIS B 14 -8.28 2.64 5.96
N ALA B 15 -8.60 2.13 7.14
CA ALA B 15 -8.94 3.01 8.24
C ALA B 15 -7.80 3.95 8.53
N ALA B 16 -6.56 3.48 8.33
CA ALA B 16 -5.42 4.38 8.48
C ALA B 16 -5.53 5.54 7.48
N LEU B 17 -5.88 5.22 6.23
CA LEU B 17 -6.06 6.27 5.23
C LEU B 17 -7.12 7.27 5.66
N ARG B 18 -8.04 6.85 6.52
CA ARG B 18 -9.09 7.77 7.00
C ARG B 18 -8.65 8.64 8.18
N ARG B 19 -7.54 8.31 8.85
CA ARG B 19 -7.04 9.10 9.97
C ARG B 19 -5.56 9.46 9.78
N PRO B 20 -5.22 10.10 8.67
CA PRO B 20 -3.81 10.44 8.42
C PRO B 20 -3.27 11.30 9.53
N THR B 21 -1.96 11.41 9.60
CA THR B 21 -1.31 12.33 10.53
C THR B 21 -0.83 13.51 9.70
N ILE B 22 -1.55 14.60 9.79
CA ILE B 22 -1.27 15.77 8.97
C ILE B 22 -0.19 16.60 9.64
N GLU B 23 0.62 17.25 8.83
CA GLU B 23 1.69 18.08 9.37
C GLU B 23 1.69 19.40 8.60
N LEU B 24 1.81 20.50 9.32
CA LEU B 24 1.85 21.83 8.74
C LEU B 24 3.19 22.44 9.07
N GLU B 25 3.95 22.79 8.04
CA GLU B 25 5.21 23.52 8.15
C GLU B 25 4.97 24.97 7.72
N PHE B 26 5.54 25.91 8.49
CA PHE B 26 5.38 27.34 8.28
C PHE B 26 6.69 27.94 7.79
N ASP B 27 6.57 29.13 7.16
CA ASP B 27 7.75 29.83 6.66
C ASP B 27 8.59 30.45 7.76
N ARG B 28 8.00 30.71 8.93
CA ARG B 28 8.67 31.39 10.03
C ARG B 28 8.31 30.67 11.32
N ALA B 29 9.09 30.93 12.37
CA ALA B 29 8.78 30.40 13.70
C ALA B 29 7.48 31.01 14.22
N ILE B 30 6.62 30.17 14.78
CA ILE B 30 5.29 30.57 15.22
C ILE B 30 5.19 30.47 16.74
N GLU B 31 4.43 31.38 17.36
CA GLU B 31 4.21 31.34 18.80
C GLU B 31 3.16 30.29 19.12
N PRO B 32 3.49 29.30 19.98
CA PRO B 32 2.55 28.18 20.19
C PRO B 32 1.14 28.59 20.57
N GLY B 33 0.99 29.69 21.28
CA GLY B 33 -0.34 30.03 21.72
C GLY B 33 -1.12 30.86 20.72
N SER B 34 -0.52 31.17 19.59
CA SER B 34 -1.25 31.87 18.55
C SER B 34 -2.00 30.92 17.65
N VAL B 35 -1.62 29.65 17.63
CA VAL B 35 -2.25 28.62 16.78
C VAL B 35 -3.70 28.44 17.20
N PRO B 36 -4.63 28.89 16.38
CA PRO B 36 -6.05 28.72 16.71
C PRO B 36 -6.46 27.29 16.47
N HIS B 37 -7.77 27.05 16.54
CA HIS B 37 -8.29 25.73 16.31
C HIS B 37 -8.31 25.47 14.82
N ILE B 38 -7.72 24.39 14.41
CA ILE B 38 -7.64 24.05 13.01
C ILE B 38 -8.82 23.17 12.68
N VAL B 39 -9.37 23.37 11.49
CA VAL B 39 -10.56 22.64 11.08
C VAL B 39 -10.29 22.05 9.71
N LEU B 40 -10.61 20.79 9.53
CA LEU B 40 -10.54 20.14 8.23
C LEU B 40 -11.95 20.25 7.64
N ARG B 41 -12.05 20.68 6.39
CA ARG B 41 -13.36 20.90 5.77
C ARG B 41 -13.43 20.22 4.41
N ALA B 42 -14.58 19.63 4.12
CA ALA B 42 -14.77 18.82 2.93
C ALA B 42 -15.58 19.54 1.85
N ASP B 43 -15.61 18.92 0.67
CA ASP B 43 -16.37 19.50 -0.42
C ASP B 43 -17.88 19.44 -0.24
N ASP B 44 -18.36 18.65 0.72
CA ASP B 44 -19.78 18.58 1.05
C ASP B 44 -20.17 19.50 2.21
N GLY B 45 -19.23 20.24 2.78
CA GLY B 45 -19.50 21.14 3.87
C GLY B 45 -19.17 20.60 5.24
N THR B 46 -19.07 19.27 5.38
CA THR B 46 -18.79 18.66 6.68
C THR B 46 -17.39 19.01 7.19
N SER B 47 -17.30 19.35 8.48
CA SER B 47 -16.03 19.66 9.12
C SER B 47 -15.63 18.56 10.12
N VAL B 48 -14.38 18.12 10.05
CA VAL B 48 -13.82 17.21 11.02
C VAL B 48 -12.89 18.00 11.94
N ALA B 49 -13.04 17.79 13.23
CA ALA B 49 -12.20 18.45 14.22
C ALA B 49 -10.80 17.86 14.19
N VAL B 50 -9.87 18.59 14.80
CA VAL B 50 -8.46 18.24 14.80
C VAL B 50 -8.03 18.03 16.24
N GLY B 51 -7.22 17.01 16.47
CA GLY B 51 -6.83 16.62 17.80
C GLY B 51 -5.74 17.48 18.40
N PRO B 52 -5.15 17.00 19.49
CA PRO B 52 -4.11 17.80 20.17
C PRO B 52 -2.95 18.05 19.20
N LEU B 53 -2.38 19.22 19.32
CA LEU B 53 -1.30 19.62 18.43
C LEU B 53 0.04 19.21 19.04
N SER B 54 0.91 18.62 18.22
CA SER B 54 2.24 18.23 18.65
C SER B 54 3.24 18.99 17.79
N TRP B 55 4.27 19.58 18.43
CA TRP B 55 5.25 20.42 17.76
C TRP B 55 6.51 19.63 17.49
N LEU B 56 6.80 19.40 16.22
CA LEU B 56 8.02 18.73 15.78
C LEU B 56 9.20 19.69 15.71
N SER B 57 8.95 20.98 15.54
CA SER B 57 9.99 22.00 15.53
C SER B 57 9.34 23.36 15.77
N ASP B 58 10.16 24.40 15.86
CA ASP B 58 9.59 25.73 16.03
C ASP B 58 8.68 26.13 14.86
N ARG B 59 8.75 25.41 13.73
CA ARG B 59 7.94 25.71 12.56
C ARG B 59 6.94 24.63 12.17
N ARG B 60 7.07 23.40 12.68
CA ARG B 60 6.29 22.25 12.23
C ARG B 60 5.34 21.75 13.34
N ILE B 61 4.06 21.62 13.00
CA ILE B 61 3.06 21.08 13.93
C ILE B 61 2.40 19.86 13.29
N ALA B 62 1.90 18.96 14.13
CA ALA B 62 1.36 17.69 13.66
C ALA B 62 0.07 17.38 14.41
N PHE B 63 -0.94 16.96 13.67
CA PHE B 63 -2.22 16.66 14.29
C PHE B 63 -2.89 15.54 13.52
N ALA B 64 -4.04 15.11 14.02
CA ALA B 64 -4.77 14.01 13.44
C ALA B 64 -6.24 14.34 13.57
N PRO B 65 -7.04 14.07 12.54
CA PRO B 65 -8.48 14.28 12.67
C PRO B 65 -9.04 13.55 13.88
N ARG B 66 -9.98 14.19 14.55
CA ARG B 66 -10.61 13.59 15.72
C ARG B 66 -11.43 12.37 15.35
N LYS B 67 -11.96 12.33 14.13
CA LYS B 67 -12.84 11.27 13.68
C LYS B 67 -12.40 10.82 12.29
N PRO B 68 -12.72 9.58 11.91
CA PRO B 68 -12.34 9.13 10.58
C PRO B 68 -12.86 10.07 9.50
N LEU B 69 -11.97 10.44 8.60
CA LEU B 69 -12.30 11.22 7.42
C LEU B 69 -12.87 10.29 6.36
N LYS B 70 -13.51 10.87 5.36
CA LYS B 70 -14.03 10.07 4.27
C LYS B 70 -12.91 9.61 3.35
N SER B 71 -13.16 8.53 2.65
CA SER B 71 -12.14 7.91 1.83
C SER B 71 -12.27 8.46 0.41
N ASN B 72 -11.14 8.54 -0.27
CA ASN B 72 -11.06 9.11 -1.60
C ASN B 72 -11.78 10.46 -1.67
N SER B 73 -11.54 11.29 -0.65
CA SER B 73 -12.15 12.61 -0.56
C SER B 73 -11.08 13.67 -0.35
N ARG B 74 -11.34 14.88 -0.84
CA ARG B 74 -10.39 15.98 -0.71
C ARG B 74 -10.75 16.84 0.49
N TYR B 75 -9.74 17.25 1.26
CA TYR B 75 -9.99 17.99 2.48
C TYR B 75 -9.09 19.22 2.50
N GLU B 76 -9.65 20.33 2.99
CA GLU B 76 -8.98 21.61 3.04
C GLU B 76 -8.66 21.89 4.49
N ILE B 77 -7.41 22.20 4.78
CA ILE B 77 -6.99 22.50 6.14
C ILE B 77 -7.16 24.00 6.29
N MET B 78 -7.93 24.40 7.29
CA MET B 78 -8.22 25.81 7.54
C MET B 78 -7.63 26.17 8.89
N VAL B 79 -6.65 27.05 8.86
CA VAL B 79 -6.09 27.67 10.05
C VAL B 79 -6.69 29.05 10.15
N PRO B 80 -7.57 29.33 11.11
CA PRO B 80 -8.18 30.65 11.19
C PRO B 80 -7.13 31.74 11.21
N ALA B 81 -7.55 32.98 10.99
CA ALA B 81 -6.61 34.10 11.04
C ALA B 81 -6.31 34.39 12.51
N GLY B 82 -5.07 34.77 12.78
CA GLY B 82 -4.65 35.06 14.13
C GLY B 82 -3.33 34.45 14.55
N ILE B 83 -2.74 33.59 13.73
CA ILE B 83 -1.45 33.04 14.11
C ILE B 83 -0.48 34.22 14.18
N ARG B 84 0.53 34.10 15.03
CA ARG B 84 1.51 35.15 15.20
C ARG B 84 2.89 34.56 15.10
N SER B 85 3.81 35.31 14.52
CA SER B 85 5.19 34.86 14.45
C SER B 85 5.88 35.17 15.78
N THR B 86 7.06 34.58 15.96
CA THR B 86 7.82 34.88 17.15
C THR B 86 8.24 36.35 17.22
N THR B 87 8.13 37.10 16.12
CA THR B 87 8.44 38.52 16.11
C THR B 87 7.19 39.38 16.30
N GLY B 88 6.07 38.77 16.70
CA GLY B 88 4.84 39.50 16.89
C GLY B 88 3.96 39.66 15.66
N GLU B 89 4.47 39.37 14.46
CA GLU B 89 3.66 39.55 13.28
C GLU B 89 2.35 38.78 13.40
N ARG B 90 1.40 39.09 12.55
CA ARG B 90 0.11 38.44 12.60
C ARG B 90 -0.34 38.11 11.19
N SER B 91 -1.19 37.11 11.09
CA SER B 91 -1.78 36.70 9.82
C SER B 91 -3.19 37.26 9.85
N THR B 92 -3.46 38.21 8.96
CA THR B 92 -4.76 38.85 8.85
C THR B 92 -5.72 38.05 8.00
N HIS B 93 -5.29 36.91 7.49
CA HIS B 93 -6.07 36.13 6.54
C HIS B 93 -6.06 34.68 6.98
N PRO B 94 -7.17 33.97 6.80
CA PRO B 94 -7.17 32.53 7.10
C PRO B 94 -6.19 31.82 6.18
N LEU B 95 -5.34 30.97 6.78
CA LEU B 95 -4.36 30.22 6.01
C LEU B 95 -4.98 28.91 5.58
N THR B 96 -4.71 28.52 4.33
CA THR B 96 -5.38 27.35 3.79
C THR B 96 -4.43 26.43 3.03
N SER B 97 -4.62 25.14 3.23
CA SER B 97 -3.90 24.12 2.49
C SER B 97 -4.85 22.99 2.16
N SER B 98 -4.33 21.90 1.57
CA SER B 98 -5.22 20.81 1.19
C SER B 98 -4.48 19.49 1.16
N PHE B 99 -5.25 18.40 1.16
CA PHE B 99 -4.70 17.06 1.07
C PHE B 99 -5.83 16.11 0.68
N ASP B 100 -5.45 14.85 0.44
CA ASP B 100 -6.38 13.85 -0.05
C ASP B 100 -6.25 12.56 0.73
N THR B 101 -7.41 11.95 1.03
CA THR B 101 -7.46 10.73 1.81
C THR B 101 -7.40 9.48 0.94
N ALA B 102 -6.73 9.55 -0.20
CA ALA B 102 -6.67 8.44 -1.16
C ALA B 102 -5.31 7.76 -1.13
N PRO B 103 -5.23 6.53 -1.64
CA PRO B 103 -3.95 5.80 -1.63
C PRO B 103 -2.96 6.42 -2.61
N VAL B 104 -1.68 6.30 -2.25
CA VAL B 104 -0.62 6.75 -3.14
C VAL B 104 0.05 5.60 -3.89
N THR B 105 -0.05 4.37 -3.38
CA THR B 105 0.45 3.17 -4.04
C THR B 105 -0.32 2.91 -5.32
N PRO B 106 0.21 2.06 -6.19
CA PRO B 106 -0.43 1.89 -7.51
C PRO B 106 -1.63 0.97 -7.44
N PRO B 107 -2.57 1.15 -8.39
CA PRO B 107 -3.80 0.36 -8.37
C PRO B 107 -3.48 -1.13 -8.45
N ARG B 108 -4.51 -1.95 -8.32
CA ARG B 108 -4.37 -3.38 -8.42
C ARG B 108 -5.10 -3.91 -9.63
N GLY B 109 -4.83 -5.16 -9.96
CA GLY B 109 -5.49 -5.86 -11.05
C GLY B 109 -6.45 -6.88 -10.45
N LEU B 110 -7.60 -7.01 -11.08
CA LEU B 110 -8.62 -7.94 -10.64
C LEU B 110 -8.71 -9.04 -11.68
N PRO B 111 -8.52 -10.32 -11.35
CA PRO B 111 -8.58 -11.35 -12.38
C PRO B 111 -9.98 -11.46 -12.98
N ASN B 112 -10.03 -12.10 -14.16
CA ASN B 112 -11.29 -12.37 -14.87
C ASN B 112 -11.36 -13.87 -15.16
N LEU B 113 -11.75 -14.64 -14.13
CA LEU B 113 -11.81 -16.08 -14.26
C LEU B 113 -13.05 -16.56 -15.02
N ASP B 114 -14.05 -15.69 -15.16
CA ASP B 114 -15.25 -16.08 -15.88
C ASP B 114 -15.03 -16.09 -17.40
N GLY B 115 -14.22 -15.20 -17.93
CA GLY B 115 -14.10 -14.97 -19.35
C GLY B 115 -14.96 -13.84 -19.88
N ALA B 116 -16.01 -13.49 -19.15
CA ALA B 116 -16.90 -12.38 -19.51
C ALA B 116 -17.27 -11.58 -18.25
N SER B 117 -16.32 -11.42 -17.34
CA SER B 117 -16.52 -10.57 -16.17
C SER B 117 -15.74 -9.26 -16.28
N CYS B 118 -15.46 -8.80 -17.50
CA CYS B 118 -14.75 -7.53 -17.70
C CYS B 118 -15.50 -6.37 -17.03
N PHE B 119 -16.82 -6.32 -17.21
CA PHE B 119 -17.59 -5.15 -16.81
C PHE B 119 -17.67 -5.04 -15.29
N ILE B 120 -17.80 -6.17 -14.59
CA ILE B 120 -17.82 -6.12 -13.13
C ILE B 120 -16.51 -5.56 -12.60
N ASN B 121 -15.39 -6.04 -13.15
CA ASN B 121 -14.10 -5.58 -12.69
C ASN B 121 -13.91 -4.10 -12.98
N THR B 122 -14.25 -3.65 -14.20
CA THR B 122 -14.04 -2.25 -14.51
C THR B 122 -14.86 -1.36 -13.58
N ALA B 123 -16.13 -1.71 -13.36
CA ALA B 123 -16.97 -0.92 -12.49
C ALA B 123 -16.42 -0.89 -11.07
N LEU B 124 -15.93 -2.03 -10.58
CA LEU B 124 -15.35 -2.05 -9.25
C LEU B 124 -14.11 -1.18 -9.18
N GLN B 125 -13.33 -1.16 -10.26
CA GLN B 125 -12.15 -0.32 -10.29
C GLN B 125 -12.54 1.15 -10.20
N LEU B 126 -13.56 1.55 -10.97
CA LEU B 126 -14.01 2.93 -10.90
C LEU B 126 -14.62 3.26 -9.54
N ALA B 127 -15.30 2.32 -8.92
CA ALA B 127 -15.94 2.61 -7.65
C ALA B 127 -14.92 2.74 -6.52
N VAL B 128 -13.88 1.90 -6.52
CA VAL B 128 -12.94 1.93 -5.40
C VAL B 128 -12.20 3.26 -5.38
N HIS B 129 -11.93 3.84 -6.56
CA HIS B 129 -11.28 5.14 -6.66
C HIS B 129 -12.29 6.27 -6.59
N SER B 130 -13.49 5.99 -6.12
CA SER B 130 -14.56 6.95 -6.15
C SER B 130 -14.72 7.64 -4.81
N SER B 131 -15.18 8.89 -4.85
CA SER B 131 -15.44 9.63 -3.62
C SER B 131 -16.61 9.06 -2.85
N ALA B 132 -17.33 8.12 -3.44
CA ALA B 132 -18.46 7.49 -2.79
C ALA B 132 -18.13 6.14 -2.21
N LEU B 133 -16.86 5.75 -2.21
CA LEU B 133 -16.51 4.42 -1.72
C LEU B 133 -16.98 4.21 -0.29
N ASP B 134 -16.80 5.22 0.57
CA ASP B 134 -17.30 5.11 1.93
C ASP B 134 -18.82 5.03 1.94
N ASP B 135 -19.48 5.78 1.04
CA ASP B 135 -20.93 5.71 0.96
C ASP B 135 -21.42 4.40 0.37
N ILE B 136 -20.67 3.80 -0.55
CA ILE B 136 -21.04 2.47 -1.03
C ILE B 136 -20.85 1.44 0.09
N LEU B 137 -19.77 1.60 0.86
CA LEU B 137 -19.44 0.58 1.86
C LEU B 137 -20.40 0.57 3.02
N SER B 138 -21.19 1.64 3.21
CA SER B 138 -22.13 1.73 4.33
C SER B 138 -23.55 1.30 3.98
N ASN B 139 -23.85 1.12 2.69
CA ASN B 139 -25.21 0.75 2.29
C ASN B 139 -25.34 -0.77 2.46
N GLU B 140 -26.18 -1.18 3.41
CA GLU B 140 -26.40 -2.60 3.63
C GLU B 140 -27.13 -3.26 2.47
N ALA B 141 -27.87 -2.48 1.68
CA ALA B 141 -28.57 -3.04 0.54
C ALA B 141 -27.58 -3.58 -0.50
N VAL B 142 -26.32 -3.21 -0.38
CA VAL B 142 -25.25 -3.67 -1.26
C VAL B 142 -24.81 -5.07 -0.80
N PRO B 143 -24.62 -6.01 -1.72
CA PRO B 143 -24.18 -7.35 -1.33
C PRO B 143 -22.99 -7.27 -0.42
N PRO B 144 -22.98 -8.04 0.66
CA PRO B 144 -21.88 -7.89 1.64
C PRO B 144 -20.49 -8.23 1.10
N ALA B 145 -20.39 -9.22 0.21
CA ALA B 145 -19.09 -9.63 -0.28
C ALA B 145 -18.43 -8.54 -1.12
N VAL B 146 -19.23 -7.76 -1.84
CA VAL B 146 -18.69 -6.66 -2.63
C VAL B 146 -18.06 -5.63 -1.70
N ARG B 147 -18.75 -5.33 -0.61
CA ARG B 147 -18.19 -4.40 0.37
C ARG B 147 -16.89 -4.95 0.93
N THR B 148 -16.85 -6.26 1.14
CA THR B 148 -15.64 -6.86 1.66
C THR B 148 -14.47 -6.74 0.68
N LEU B 149 -14.73 -6.97 -0.60
CA LEU B 149 -13.68 -6.82 -1.58
C LEU B 149 -13.21 -5.37 -1.67
N LEU B 150 -14.14 -4.43 -1.58
CA LEU B 150 -13.79 -3.03 -1.73
C LEU B 150 -13.07 -2.45 -0.53
N GLU B 151 -13.25 -3.02 0.67
CA GLU B 151 -12.50 -2.48 1.80
C GLU B 151 -11.08 -3.04 1.85
N ASP B 152 -10.92 -4.34 1.54
CA ASP B 152 -9.61 -5.00 1.60
C ASP B 152 -8.86 -4.89 0.29
N TYR B 153 -9.21 -3.89 -0.53
CA TYR B 153 -8.74 -3.89 -1.91
C TYR B 153 -7.22 -3.77 -1.99
N ASP B 154 -6.68 -2.75 -1.36
CA ASP B 154 -5.27 -2.47 -1.52
C ASP B 154 -4.40 -3.31 -0.61
N ALA B 155 -4.97 -3.89 0.43
CA ALA B 155 -4.19 -4.46 1.53
C ALA B 155 -4.38 -5.97 1.66
N ALA B 156 -4.86 -6.63 0.62
CA ALA B 156 -5.17 -8.05 0.66
C ALA B 156 -4.13 -8.85 -0.12
N SER B 157 -3.77 -10.02 0.40
CA SER B 157 -2.97 -10.93 -0.41
C SER B 157 -3.67 -11.04 -1.76
N ALA B 158 -2.89 -11.25 -2.82
CA ALA B 158 -3.55 -11.47 -4.10
C ALA B 158 -4.47 -12.68 -4.01
N ASP B 159 -4.06 -13.68 -3.24
CA ASP B 159 -4.87 -14.88 -3.07
C ASP B 159 -6.21 -14.55 -2.41
N ALA B 160 -6.18 -13.75 -1.37
CA ALA B 160 -7.41 -13.36 -0.70
C ALA B 160 -8.22 -12.41 -1.56
N LEU B 161 -7.55 -11.52 -2.31
CA LEU B 161 -8.27 -10.66 -3.22
C LEU B 161 -8.99 -11.49 -4.28
N ASP B 162 -8.37 -12.59 -4.71
CA ASP B 162 -8.95 -13.44 -5.75
C ASP B 162 -10.16 -14.21 -5.23
N ALA B 163 -10.05 -14.75 -4.02
CA ALA B 163 -11.20 -15.40 -3.40
C ALA B 163 -12.34 -14.43 -3.15
N GLN B 164 -12.03 -13.24 -2.60
CA GLN B 164 -13.04 -12.23 -2.35
C GLN B 164 -13.68 -11.77 -3.65
N LEU B 165 -12.91 -11.71 -4.73
CA LEU B 165 -13.47 -11.31 -6.01
C LEU B 165 -14.42 -12.37 -6.53
N ALA B 166 -14.04 -13.64 -6.40
CA ALA B 166 -14.95 -14.72 -6.80
C ALA B 166 -16.27 -14.60 -6.06
N ALA B 167 -16.20 -14.42 -4.73
CA ALA B 167 -17.43 -14.30 -3.95
C ALA B 167 -18.23 -13.05 -4.35
N ALA B 168 -17.54 -11.96 -4.67
CA ALA B 168 -18.23 -10.72 -5.01
C ALA B 168 -18.90 -10.82 -6.37
N VAL B 169 -18.21 -11.40 -7.36
CA VAL B 169 -18.84 -11.60 -8.66
C VAL B 169 -20.05 -12.50 -8.50
N ALA B 170 -19.94 -13.55 -7.68
CA ALA B 170 -21.10 -14.40 -7.45
C ALA B 170 -22.27 -13.59 -6.94
N ALA B 171 -22.02 -12.75 -5.92
CA ALA B 171 -23.11 -12.00 -5.29
C ALA B 171 -23.65 -10.90 -6.19
N LEU B 172 -22.83 -10.40 -7.12
CA LEU B 172 -23.28 -9.36 -8.05
C LEU B 172 -24.17 -9.97 -9.12
N ARG B 173 -23.76 -11.09 -9.70
CA ARG B 173 -24.61 -11.78 -10.67
C ARG B 173 -25.94 -12.21 -10.03
N ALA B 174 -25.93 -12.50 -8.73
CA ALA B 174 -27.16 -12.85 -8.05
C ALA B 174 -28.15 -11.70 -7.98
N THR B 175 -27.71 -10.46 -8.17
CA THR B 175 -28.61 -9.34 -8.12
C THR B 175 -29.52 -9.34 -9.35
N PRO B 176 -30.63 -8.60 -9.27
CA PRO B 176 -31.49 -8.46 -10.45
C PRO B 176 -30.84 -7.67 -11.56
N GLU B 177 -30.18 -6.56 -11.22
CA GLU B 177 -29.70 -5.61 -12.21
C GLU B 177 -28.66 -6.23 -13.12
N VAL B 178 -27.83 -7.12 -12.57
CA VAL B 178 -26.66 -7.66 -13.25
C VAL B 178 -27.00 -9.01 -13.87
N PRO B 179 -26.50 -9.28 -15.09
CA PRO B 179 -26.68 -10.61 -15.67
C PRO B 179 -26.24 -11.72 -14.74
N ASP B 180 -27.08 -12.76 -14.59
CA ASP B 180 -26.68 -13.93 -13.81
C ASP B 180 -25.56 -14.72 -14.49
N SER B 181 -25.31 -14.49 -15.77
CA SER B 181 -24.18 -15.07 -16.47
C SER B 181 -23.97 -14.25 -17.74
N GLY B 182 -22.77 -14.34 -18.31
CA GLY B 182 -22.45 -13.65 -19.54
C GLY B 182 -22.02 -12.21 -19.34
N PRO B 183 -21.69 -11.52 -20.44
CA PRO B 183 -21.26 -10.12 -20.33
C PRO B 183 -22.40 -9.19 -19.94
N GLY B 184 -22.08 -7.90 -19.80
CA GLY B 184 -23.06 -6.90 -19.41
C GLY B 184 -22.54 -5.49 -19.59
N GLN B 185 -23.03 -4.57 -18.77
CA GLN B 185 -22.69 -3.16 -18.90
C GLN B 185 -22.21 -2.61 -17.57
N THR B 186 -21.30 -1.63 -17.65
CA THR B 186 -20.77 -1.01 -16.45
C THR B 186 -21.90 -0.43 -15.62
N LEU B 187 -22.92 0.08 -16.29
CA LEU B 187 -24.00 0.75 -15.60
C LEU B 187 -24.77 -0.20 -14.71
N GLU B 188 -24.94 -1.46 -15.16
CA GLU B 188 -25.66 -2.43 -14.34
C GLU B 188 -24.93 -2.67 -13.02
N VAL B 189 -23.61 -2.84 -13.08
CA VAL B 189 -22.85 -3.07 -11.85
C VAL B 189 -22.93 -1.84 -10.96
N MET B 190 -22.86 -0.65 -11.54
CA MET B 190 -22.90 0.55 -10.70
C MET B 190 -24.24 0.66 -10.00
N GLN B 191 -25.32 0.32 -10.70
CA GLN B 191 -26.65 0.33 -10.10
C GLN B 191 -26.79 -0.70 -8.98
N ALA B 192 -26.12 -1.85 -9.13
CA ALA B 192 -26.10 -2.80 -8.03
C ALA B 192 -25.29 -2.26 -6.85
N LEU B 193 -24.19 -1.58 -7.12
CA LEU B 193 -23.38 -0.96 -6.07
C LEU B 193 -24.08 0.24 -5.44
N ARG B 194 -25.18 0.71 -6.00
CA ARG B 194 -25.85 1.93 -5.54
C ARG B 194 -24.93 3.14 -5.62
N MET B 195 -24.17 3.20 -6.71
CA MET B 195 -23.24 4.29 -6.91
C MET B 195 -24.00 5.55 -7.32
N PRO B 196 -23.80 6.68 -6.64
CA PRO B 196 -24.42 7.92 -7.08
C PRO B 196 -23.84 8.37 -8.41
N LEU B 197 -24.64 8.39 -9.46
CA LEU B 197 -24.22 8.92 -10.75
C LEU B 197 -25.16 10.06 -11.13
N TYR B 198 -24.71 10.93 -12.03
CA TYR B 198 -25.49 12.04 -12.52
C TYR B 198 -25.68 11.79 -13.99
N ASP B 199 -26.90 11.44 -14.39
CA ASP B 199 -27.21 11.26 -15.80
C ASP B 199 -27.24 12.63 -16.47
N THR B 200 -26.41 12.80 -17.51
CA THR B 200 -26.38 14.07 -18.20
C THR B 200 -27.64 14.33 -19.02
N SER B 201 -28.48 13.31 -19.25
CA SER B 201 -29.79 13.54 -19.88
C SER B 201 -30.67 14.44 -19.02
N SER B 202 -30.66 14.26 -17.70
CA SER B 202 -31.27 15.22 -16.81
C SER B 202 -30.53 16.58 -16.90
N ALA B 203 -31.27 17.66 -16.62
CA ALA B 203 -30.78 19.05 -16.64
C ALA B 203 -31.72 19.93 -17.49
N ALA B 206 -28.95 22.67 -19.39
CA ALA B 206 -27.88 21.99 -20.12
C ALA B 206 -28.37 21.18 -21.30
N LYS B 207 -27.50 20.97 -22.28
CA LYS B 207 -27.89 20.28 -23.52
C LYS B 207 -26.93 19.17 -23.95
N ASN B 208 -25.64 19.30 -23.62
CA ASN B 208 -24.63 18.30 -23.95
C ASN B 208 -24.00 17.76 -22.66
N ASN B 209 -23.21 16.70 -22.81
CA ASN B 209 -22.53 16.11 -21.67
C ASN B 209 -21.60 17.10 -20.98
N ALA B 210 -20.79 17.83 -21.75
CA ALA B 210 -19.83 18.74 -21.13
C ALA B 210 -20.51 19.84 -20.33
N ASP B 211 -21.61 20.38 -20.84
CA ASP B 211 -22.28 21.47 -20.13
C ASP B 211 -22.93 20.98 -18.84
N ALA B 212 -23.46 19.75 -18.86
CA ALA B 212 -24.04 19.21 -17.64
C ALA B 212 -22.97 18.96 -16.60
N ILE B 213 -21.80 18.50 -17.02
CA ILE B 213 -20.71 18.31 -16.07
C ILE B 213 -20.31 19.67 -15.48
N ARG B 214 -20.28 20.72 -16.31
CA ARG B 214 -19.86 22.03 -15.83
C ARG B 214 -20.96 22.75 -15.06
N HIS B 215 -22.19 22.68 -15.55
CA HIS B 215 -23.33 23.33 -14.91
C HIS B 215 -24.15 22.36 -14.08
N ALA B 216 -23.47 21.45 -13.40
CA ALA B 216 -24.15 20.46 -12.57
C ALA B 216 -24.28 20.99 -11.15
N PRO B 217 -25.15 20.38 -10.36
CA PRO B 217 -25.27 20.77 -8.96
C PRO B 217 -23.92 20.69 -8.27
N PRO B 218 -23.77 21.37 -7.13
CA PRO B 218 -22.51 21.31 -6.38
C PRO B 218 -22.24 19.90 -5.84
N ASN B 219 -20.95 19.57 -5.76
CA ASN B 219 -20.50 18.29 -5.20
C ASN B 219 -21.02 17.07 -5.99
N THR B 220 -21.12 17.23 -7.29
CA THR B 220 -21.48 16.13 -8.19
C THR B 220 -20.17 15.61 -8.78
N LYS B 221 -19.81 14.37 -8.43
CA LYS B 221 -18.50 13.84 -8.75
C LYS B 221 -18.51 12.83 -9.90
N ALA B 222 -19.48 11.93 -9.93
CA ALA B 222 -19.55 10.90 -10.95
C ALA B 222 -20.67 11.21 -11.92
N PHE B 223 -20.38 11.06 -13.21
CA PHE B 223 -21.29 11.42 -14.29
C PHE B 223 -21.42 10.21 -15.21
N PHE B 224 -22.65 9.93 -15.63
CA PHE B 224 -22.97 8.94 -16.65
C PHE B 224 -23.30 9.67 -17.94
N LEU B 225 -22.53 9.41 -19.01
CA LEU B 225 -22.57 10.25 -20.20
C LEU B 225 -23.53 9.66 -21.22
N ASN B 226 -24.79 10.11 -21.18
CA ASN B 226 -25.83 9.57 -22.05
C ASN B 226 -26.51 10.66 -22.88
N SER B 227 -25.78 11.74 -23.17
CA SER B 227 -26.22 12.80 -24.07
C SER B 227 -25.32 12.79 -25.30
N TYR B 228 -25.57 13.76 -26.19
CA TYR B 228 -24.73 13.92 -27.38
C TYR B 228 -24.10 15.31 -27.35
N PRO B 229 -22.84 15.43 -27.75
CA PRO B 229 -22.00 14.40 -28.37
C PRO B 229 -21.23 13.50 -27.40
N PRO B 230 -20.76 12.35 -27.88
CA PRO B 230 -19.83 11.55 -27.09
C PRO B 230 -18.51 12.28 -26.89
N LEU B 231 -17.87 12.03 -25.75
CA LEU B 231 -16.64 12.71 -25.39
C LEU B 231 -15.45 11.76 -25.37
N SER B 232 -14.30 12.31 -25.73
CA SER B 232 -13.00 11.67 -25.57
C SER B 232 -12.31 12.22 -24.32
N TYR B 233 -11.12 11.69 -24.02
CA TYR B 233 -10.41 12.14 -22.82
C TYR B 233 -10.19 13.65 -22.82
N ALA B 234 -9.77 14.20 -23.97
CA ALA B 234 -9.46 15.64 -24.02
C ALA B 234 -10.69 16.48 -23.80
N ASP B 235 -11.86 15.98 -24.24
CA ASP B 235 -13.11 16.71 -24.10
C ASP B 235 -13.61 16.74 -22.66
N LEU B 236 -13.21 15.79 -21.84
CA LEU B 236 -13.67 15.77 -20.45
C LEU B 236 -13.31 17.10 -19.81
N PRO B 237 -14.26 17.78 -19.19
CA PRO B 237 -13.94 19.06 -18.53
C PRO B 237 -13.17 18.81 -17.24
N ASN B 238 -12.67 19.89 -16.68
CA ASN B 238 -11.97 19.87 -15.39
C ASN B 238 -11.00 18.70 -15.26
N HIS B 239 -10.00 18.69 -16.16
CA HIS B 239 -9.03 17.61 -16.11
C HIS B 239 -8.29 17.55 -14.77
N ASP B 240 -8.13 18.69 -14.11
CA ASP B 240 -7.36 18.71 -12.87
C ASP B 240 -8.00 17.82 -11.81
N ARG B 241 -9.33 17.61 -11.88
CA ARG B 241 -10.01 16.76 -10.93
C ARG B 241 -10.44 15.42 -11.50
N LEU B 242 -10.26 15.16 -12.79
CA LEU B 242 -10.57 13.84 -13.32
C LEU B 242 -9.68 12.80 -12.67
N VAL B 243 -10.31 11.79 -12.07
CA VAL B 243 -9.57 10.72 -11.39
C VAL B 243 -9.90 9.35 -11.94
N ALA B 244 -11.02 9.15 -12.62
CA ALA B 244 -11.25 7.82 -13.14
C ALA B 244 -12.23 7.90 -14.28
N PHE B 245 -12.16 6.92 -15.17
CA PHE B 245 -13.19 6.86 -16.19
C PHE B 245 -13.10 5.52 -16.88
N ASP B 246 -14.24 5.05 -17.35
CA ASP B 246 -14.20 3.76 -18.03
C ASP B 246 -13.90 3.98 -19.50
N TYR B 247 -13.39 2.94 -20.13
CA TYR B 247 -13.16 2.94 -21.57
C TYR B 247 -13.62 1.60 -22.10
N SER B 248 -14.35 1.65 -23.21
CA SER B 248 -14.96 0.47 -23.81
C SER B 248 -14.32 0.24 -25.17
N THR B 249 -13.64 -0.89 -25.33
CA THR B 249 -12.91 -1.23 -26.54
C THR B 249 -13.67 -2.19 -27.45
N GLY B 250 -14.97 -2.39 -27.23
CA GLY B 250 -15.69 -3.34 -28.04
C GLY B 250 -15.85 -4.68 -27.36
N GLY B 251 -16.92 -4.85 -26.61
CA GLY B 251 -17.12 -6.07 -25.88
C GLY B 251 -16.13 -6.28 -24.78
N HIS B 252 -15.43 -5.22 -24.37
CA HIS B 252 -14.40 -5.32 -23.35
C HIS B 252 -14.25 -3.97 -22.67
N TYR B 253 -14.24 -3.97 -21.34
CA TYR B 253 -14.15 -2.74 -20.56
C TYR B 253 -12.78 -2.68 -19.88
N VAL B 254 -12.12 -1.54 -19.95
CA VAL B 254 -10.94 -1.28 -19.13
C VAL B 254 -11.21 -0.04 -18.31
N ALA B 255 -10.42 0.13 -17.25
CA ALA B 255 -10.54 1.29 -16.39
C ALA B 255 -9.31 2.17 -16.52
N TYR B 256 -9.50 3.49 -16.43
CA TYR B 256 -8.39 4.42 -16.34
C TYR B 256 -8.51 5.12 -15.00
N VAL B 257 -7.55 4.89 -14.12
CA VAL B 257 -7.65 5.41 -12.76
C VAL B 257 -6.33 6.09 -12.40
N LYS B 258 -6.44 7.24 -11.75
CA LYS B 258 -5.31 8.10 -11.43
C LYS B 258 -4.99 8.04 -9.95
N ARG B 259 -3.71 7.83 -9.63
CA ARG B 259 -3.26 7.72 -8.25
C ARG B 259 -1.95 8.50 -8.08
N ASP B 260 -1.96 9.45 -7.14
CA ASP B 260 -0.79 10.28 -6.80
C ASP B 260 -0.13 10.86 -8.04
N GLY B 261 -0.96 11.39 -8.95
CA GLY B 261 -0.47 12.03 -10.16
C GLY B 261 -0.02 11.11 -11.27
N ILE B 262 -0.31 9.81 -11.18
CA ILE B 262 0.06 8.87 -12.22
C ILE B 262 -1.20 8.20 -12.73
N TRP B 263 -1.40 8.18 -14.03
CA TRP B 263 -2.54 7.47 -14.59
C TRP B 263 -2.17 6.02 -14.82
N TYR B 264 -3.12 5.11 -14.60
CA TYR B 264 -2.94 3.69 -14.85
C TYR B 264 -4.12 3.19 -15.67
N ARG B 265 -3.84 2.24 -16.57
CA ARG B 265 -4.84 1.52 -17.35
C ARG B 265 -4.91 0.11 -16.80
N ILE B 266 -6.09 -0.28 -16.33
CA ILE B 266 -6.30 -1.57 -15.69
C ILE B 266 -7.25 -2.38 -16.54
N ASP B 267 -6.70 -3.37 -17.23
CA ASP B 267 -7.49 -4.35 -17.97
C ASP B 267 -7.47 -5.68 -17.22
N ASP B 268 -8.56 -5.98 -16.50
CA ASP B 268 -8.64 -7.14 -15.62
C ASP B 268 -7.48 -7.22 -14.63
N ALA B 269 -6.48 -8.07 -14.90
CA ALA B 269 -5.36 -8.22 -13.97
C ALA B 269 -4.09 -7.51 -14.44
N GLN B 270 -4.17 -6.70 -15.51
CA GLN B 270 -3.02 -6.00 -16.06
C GLN B 270 -3.08 -4.52 -15.71
N VAL B 271 -2.28 -4.08 -14.74
CA VAL B 271 -2.11 -2.67 -14.47
C VAL B 271 -0.89 -2.17 -15.24
N SER B 272 -1.09 -1.13 -16.06
CA SER B 272 -0.02 -0.56 -16.87
C SER B 272 -0.07 0.95 -16.73
N ALA B 273 1.05 1.59 -16.38
CA ALA B 273 1.05 3.04 -16.25
C ALA B 273 0.98 3.73 -17.60
N VAL B 274 0.26 4.85 -17.65
CA VAL B 274 0.04 5.61 -18.87
C VAL B 274 0.26 7.09 -18.59
N ASN B 275 0.63 7.83 -19.62
CA ASN B 275 0.82 9.26 -19.52
C ASN B 275 -0.34 10.00 -20.14
N GLU B 276 -0.35 11.33 -19.98
CA GLU B 276 -1.49 12.10 -20.46
C GLU B 276 -1.62 12.02 -21.97
N GLN B 277 -0.49 11.95 -22.67
CA GLN B 277 -0.55 11.93 -24.13
C GLN B 277 -1.19 10.65 -24.63
N ASP B 278 -0.89 9.53 -23.98
CA ASP B 278 -1.58 8.28 -24.29
C ASP B 278 -3.09 8.44 -24.16
N LEU B 279 -3.52 9.09 -23.08
CA LEU B 279 -4.95 9.26 -22.82
C LEU B 279 -5.60 10.14 -23.89
N LEU B 280 -4.91 11.21 -24.29
CA LEU B 280 -5.48 12.13 -25.27
C LEU B 280 -5.79 11.45 -26.59
N ALA B 281 -5.12 10.33 -26.89
CA ALA B 281 -5.42 9.60 -28.11
C ALA B 281 -6.68 8.76 -28.01
N LEU B 282 -7.25 8.62 -26.82
CA LEU B 282 -8.43 7.79 -26.67
C LEU B 282 -9.57 8.41 -27.46
N PRO B 283 -10.09 7.72 -28.48
CA PRO B 283 -11.24 8.25 -29.24
C PRO B 283 -12.53 8.16 -28.44
N ALA B 284 -13.56 8.79 -29.00
CA ALA B 284 -14.91 8.73 -28.44
C ALA B 284 -15.82 7.70 -29.11
N PHE B 285 -15.50 7.27 -30.34
CA PHE B 285 -16.29 6.24 -31.02
C PHE B 285 -15.53 4.92 -31.11
N SER B 291 -20.10 3.32 -30.95
CA SER B 291 -20.22 2.95 -29.54
C SER B 291 -19.49 3.97 -28.65
N VAL B 292 -20.13 4.33 -27.55
CA VAL B 292 -19.55 5.31 -26.63
C VAL B 292 -18.27 4.75 -26.05
N SER B 293 -17.21 5.56 -26.05
CA SER B 293 -15.95 5.12 -25.47
C SER B 293 -15.97 5.32 -23.95
N ILE B 294 -16.09 6.57 -23.51
CA ILE B 294 -16.15 6.93 -22.10
C ILE B 294 -17.61 7.08 -21.71
N GLU B 295 -18.03 6.26 -20.75
CA GLU B 295 -19.42 6.19 -20.30
C GLU B 295 -19.62 6.72 -18.89
N ILE B 296 -18.65 6.50 -18.02
CA ILE B 296 -18.68 6.99 -16.66
C ILE B 296 -17.39 7.77 -16.44
N ALA B 297 -17.52 8.98 -15.91
CA ALA B 297 -16.39 9.85 -15.61
C ALA B 297 -16.50 10.23 -14.14
N ILE B 298 -15.46 9.95 -13.38
CA ILE B 298 -15.46 10.10 -11.93
C ILE B 298 -14.41 11.14 -11.58
N TYR B 299 -14.84 12.12 -10.80
CA TYR B 299 -14.04 13.25 -10.37
C TYR B 299 -13.89 13.18 -8.86
N ARG B 300 -12.94 13.97 -8.36
CA ARG B 300 -12.64 13.96 -6.91
C ARG B 300 -13.23 15.15 -6.20
#